data_6AVS
#
_entry.id   6AVS
#
_cell.length_a   49.685
_cell.length_b   65.063
_cell.length_c   78.139
_cell.angle_alpha   90.00
_cell.angle_beta   90.00
_cell.angle_gamma   90.00
#
_symmetry.space_group_name_H-M   'P 21 21 21'
#
loop_
_entity.id
_entity.type
_entity.pdbx_description
1 polymer 'Lysine-specific demethylase 8'
2 non-polymer 'ZINC ION'
3 non-polymer '(2S)-2-amino-5-[(N-methylcarbamimidoyl)amino]pentanoic acid'
4 water water
#
_entity_poly.entity_id   1
_entity_poly.type   'polypeptide(L)'
_entity_poly.pdbx_seq_one_letter_code
;GGTVPRLHRPSLQHFREQFLVPGRPVILKGVADHWPCMQKWSLEYIQEIAGCRTVPVEVGSRYTDEEWSQTLMTVNEFIS
KYIVNEPRDVGYLAQHQLFDQIPELKQDISIPDYCSLGDGEEEEITINAWFGPQGTISPLHQDPQQNFLVQVMGRKYIRL
YSPQESGALYPHDTHLLHNTSQVDVENPDLEKFPKFAKAPFLSCILSPGEILFIPVKYWHYVRALDLSFSVSFWWS
;
_entity_poly.pdbx_strand_id   A
#
# COMPACT_ATOMS: atom_id res chain seq x y z
N GLY A 1 7.50 -17.04 8.65
CA GLY A 1 8.54 -16.22 9.19
C GLY A 1 8.14 -15.38 10.37
N GLY A 2 8.89 -14.35 10.69
CA GLY A 2 8.56 -13.47 11.78
C GLY A 2 7.85 -12.20 11.37
N THR A 3 7.53 -11.40 12.39
CA THR A 3 6.87 -10.12 12.23
C THR A 3 7.88 -9.05 11.84
N VAL A 4 7.38 -7.98 11.22
CA VAL A 4 8.19 -6.84 10.95
C VAL A 4 8.37 -6.13 12.28
N PRO A 5 9.57 -5.69 12.55
CA PRO A 5 9.85 -5.02 13.80
C PRO A 5 9.19 -3.69 13.84
N ARG A 6 8.70 -3.31 15.01
CA ARG A 6 8.07 -2.04 15.23
C ARG A 6 9.00 -1.19 16.12
N LEU A 7 9.13 0.09 15.82
CA LEU A 7 10.00 0.98 16.55
C LEU A 7 9.41 2.31 16.78
N HIS A 8 9.49 2.78 18.01
CA HIS A 8 8.93 4.05 18.33
C HIS A 8 9.89 5.16 17.98
N ARG A 9 9.45 5.99 17.05
CA ARG A 9 10.17 7.13 16.51
C ARG A 9 11.68 7.03 16.47
N PRO A 10 12.19 6.13 15.68
CA PRO A 10 13.62 5.96 15.57
C PRO A 10 14.28 7.19 14.98
N SER A 11 15.50 7.44 15.38
CA SER A 11 16.21 8.58 14.86
C SER A 11 16.56 8.40 13.42
N LEU A 12 16.83 9.52 12.76
CA LEU A 12 17.20 9.51 11.35
C LEU A 12 18.34 8.60 11.16
N GLN A 13 19.40 8.83 11.92
CA GLN A 13 20.59 8.03 11.84
C GLN A 13 20.38 6.56 11.98
N HIS A 14 19.74 6.15 13.04
CA HIS A 14 19.46 4.76 13.27
C HIS A 14 18.47 4.21 12.25
N PHE A 15 17.55 5.01 11.75
CA PHE A 15 16.65 4.54 10.71
C PHE A 15 17.50 4.31 9.48
N ARG A 16 18.41 5.24 9.20
CA ARG A 16 19.30 5.09 8.09
C ARG A 16 20.20 3.90 8.13
N GLU A 17 20.95 3.74 9.21
CA GLU A 17 21.89 2.63 9.30
C GLU A 17 21.24 1.28 9.53
N GLN A 18 20.22 1.22 10.33
CA GLN A 18 19.58 -0.07 10.60
C GLN A 18 18.61 -0.61 9.54
N PHE A 19 17.88 0.25 8.85
CA PHE A 19 16.90 -0.17 7.87
C PHE A 19 17.07 0.24 6.42
N LEU A 20 17.22 1.52 6.19
CA LEU A 20 17.35 2.09 4.85
C LEU A 20 18.54 1.68 4.05
N VAL A 21 19.72 1.68 4.65
CA VAL A 21 20.90 1.31 3.91
C VAL A 21 20.96 -0.15 3.58
N PRO A 22 20.58 -1.02 4.50
CA PRO A 22 20.60 -2.44 4.23
C PRO A 22 19.32 -2.95 3.58
N GLY A 23 18.28 -2.14 3.57
CA GLY A 23 17.04 -2.56 2.97
C GLY A 23 16.16 -3.54 3.72
N ARG A 24 15.87 -3.21 4.98
CA ARG A 24 15.14 -4.01 5.95
C ARG A 24 13.85 -3.27 6.31
N PRO A 25 12.71 -3.95 6.15
CA PRO A 25 11.41 -3.37 6.43
C PRO A 25 11.20 -3.13 7.89
N VAL A 26 10.47 -2.10 8.24
CA VAL A 26 10.21 -1.82 9.61
C VAL A 26 8.93 -1.02 9.77
N ILE A 27 8.23 -1.22 10.88
CA ILE A 27 7.06 -0.44 11.19
C ILE A 27 7.48 0.69 12.13
N LEU A 28 7.16 1.90 11.76
CA LEU A 28 7.47 3.05 12.55
C LEU A 28 6.23 3.55 13.30
N LYS A 29 6.35 3.60 14.61
CA LYS A 29 5.27 3.97 15.50
C LYS A 29 5.55 5.35 16.04
N GLY A 30 4.47 6.04 16.40
CA GLY A 30 4.53 7.35 16.96
C GLY A 30 4.80 8.43 15.96
N VAL A 31 5.01 8.07 14.71
CA VAL A 31 5.31 9.05 13.71
C VAL A 31 4.05 9.69 13.12
N ALA A 32 3.21 8.88 12.53
CA ALA A 32 1.98 9.29 11.89
C ALA A 32 0.78 9.31 12.78
N ASP A 33 0.98 9.02 14.04
CA ASP A 33 -0.07 8.98 15.04
C ASP A 33 -0.88 10.24 15.22
N HIS A 34 -0.19 11.36 15.21
CA HIS A 34 -0.85 12.60 15.44
C HIS A 34 -1.11 13.44 14.21
N TRP A 35 -0.98 12.88 13.02
CA TRP A 35 -1.28 13.63 11.82
C TRP A 35 -2.78 13.86 11.82
N PRO A 36 -3.25 14.98 11.32
CA PRO A 36 -4.68 15.29 11.34
C PRO A 36 -5.60 14.26 10.69
N CYS A 37 -5.17 13.61 9.64
CA CYS A 37 -5.94 12.59 9.00
C CYS A 37 -6.37 11.37 9.84
N MET A 38 -5.70 11.04 10.95
CA MET A 38 -6.12 9.91 11.72
C MET A 38 -7.38 10.23 12.49
N GLN A 39 -7.55 11.47 12.93
CA GLN A 39 -8.73 11.84 13.66
C GLN A 39 -9.94 12.22 12.81
N LYS A 40 -9.71 12.88 11.69
CA LYS A 40 -10.81 13.31 10.87
C LYS A 40 -11.25 12.50 9.64
N TRP A 41 -10.37 11.72 9.03
CA TRP A 41 -10.79 10.94 7.86
C TRP A 41 -11.75 9.82 8.20
N SER A 42 -12.92 10.00 7.68
CA SER A 42 -14.04 9.11 7.82
C SER A 42 -14.98 9.37 6.68
N LEU A 43 -15.81 8.39 6.36
CA LEU A 43 -16.77 8.42 5.24
C LEU A 43 -17.44 9.72 5.00
N GLU A 44 -18.00 10.28 6.04
CA GLU A 44 -18.61 11.59 6.00
C GLU A 44 -17.65 12.72 5.61
N TYR A 45 -16.42 12.67 6.05
CA TYR A 45 -15.48 13.71 5.74
C TYR A 45 -15.00 13.58 4.31
N ILE A 46 -14.82 12.36 3.87
CA ILE A 46 -14.37 12.07 2.54
C ILE A 46 -15.37 12.50 1.50
N GLN A 47 -16.63 12.30 1.82
CA GLN A 47 -17.71 12.67 0.94
C GLN A 47 -17.83 14.15 0.86
N GLU A 48 -17.92 14.78 2.00
CA GLU A 48 -18.02 16.22 2.05
C GLU A 48 -16.95 16.97 1.24
N ILE A 49 -15.70 16.55 1.33
CA ILE A 49 -14.65 17.25 0.65
C ILE A 49 -14.24 16.72 -0.71
N ALA A 50 -14.51 15.46 -0.97
CA ALA A 50 -14.11 14.87 -2.21
C ALA A 50 -15.22 14.21 -3.04
N GLY A 51 -16.40 14.08 -2.44
CA GLY A 51 -17.57 13.49 -3.02
C GLY A 51 -17.81 13.61 -4.49
N CYS A 52 -17.75 14.83 -4.99
CA CYS A 52 -18.00 15.11 -6.40
C CYS A 52 -16.88 14.88 -7.36
N ARG A 53 -15.69 14.67 -6.87
CA ARG A 53 -14.56 14.53 -7.76
C ARG A 53 -14.52 13.18 -8.41
N THR A 54 -14.01 13.14 -9.63
CA THR A 54 -13.90 11.96 -10.42
C THR A 54 -12.60 11.21 -10.04
N VAL A 55 -12.68 9.90 -9.95
CA VAL A 55 -11.60 9.10 -9.55
C VAL A 55 -11.57 7.77 -10.31
N PRO A 56 -10.38 7.28 -10.62
CA PRO A 56 -10.19 5.98 -11.23
C PRO A 56 -10.47 4.91 -10.22
N VAL A 57 -11.10 3.82 -10.61
CA VAL A 57 -11.46 2.77 -9.69
C VAL A 57 -11.19 1.43 -10.34
N GLU A 58 -10.57 0.53 -9.63
CA GLU A 58 -10.30 -0.79 -10.17
C GLU A 58 -11.40 -1.72 -9.71
N VAL A 59 -12.05 -2.39 -10.64
CA VAL A 59 -13.10 -3.34 -10.36
C VAL A 59 -12.56 -4.74 -10.61
N GLY A 60 -12.85 -5.65 -9.69
CA GLY A 60 -12.36 -6.99 -9.81
C GLY A 60 -11.44 -7.25 -8.65
N SER A 61 -11.56 -8.40 -8.01
CA SER A 61 -10.76 -8.77 -6.86
C SER A 61 -9.26 -8.65 -6.80
N ARG A 62 -8.59 -8.82 -7.95
CA ARG A 62 -7.13 -8.82 -8.10
C ARG A 62 -6.80 -8.31 -9.50
N TYR A 63 -5.71 -7.54 -9.64
CA TYR A 63 -5.35 -6.98 -10.94
C TYR A 63 -4.71 -7.89 -11.96
N THR A 64 -4.37 -9.08 -11.50
CA THR A 64 -3.86 -10.12 -12.35
C THR A 64 -4.99 -11.04 -12.82
N ASP A 65 -6.24 -10.70 -12.53
CA ASP A 65 -7.40 -11.47 -12.92
C ASP A 65 -7.74 -11.18 -14.35
N GLU A 66 -8.33 -12.13 -15.01
CA GLU A 66 -8.64 -11.91 -16.40
C GLU A 66 -9.72 -10.93 -16.55
N GLU A 67 -10.64 -10.89 -15.58
CA GLU A 67 -11.79 -10.03 -15.62
C GLU A 67 -11.69 -8.71 -14.90
N TRP A 68 -10.47 -8.31 -14.57
CA TRP A 68 -10.26 -7.07 -13.87
C TRP A 68 -10.36 -5.90 -14.85
N SER A 69 -10.91 -4.78 -14.38
CA SER A 69 -11.02 -3.64 -15.23
C SER A 69 -10.85 -2.32 -14.51
N GLN A 70 -10.71 -1.26 -15.25
CA GLN A 70 -10.56 0.04 -14.68
C GLN A 70 -11.66 0.95 -15.18
N THR A 71 -12.22 1.72 -14.30
CA THR A 71 -13.28 2.63 -14.65
C THR A 71 -13.16 3.97 -13.94
N LEU A 72 -14.08 4.90 -14.15
CA LEU A 72 -14.03 6.19 -13.48
C LEU A 72 -15.40 6.52 -12.90
N MET A 73 -15.44 7.22 -11.78
CA MET A 73 -16.67 7.61 -11.13
C MET A 73 -16.42 8.67 -10.08
N THR A 74 -17.48 9.24 -9.57
CA THR A 74 -17.29 10.19 -8.54
C THR A 74 -16.99 9.46 -7.22
N VAL A 75 -16.47 10.19 -6.26
CA VAL A 75 -16.19 9.62 -4.98
C VAL A 75 -17.46 9.17 -4.33
N ASN A 76 -18.51 9.98 -4.41
CA ASN A 76 -19.78 9.57 -3.85
C ASN A 76 -20.27 8.27 -4.51
N GLU A 77 -20.17 8.16 -5.83
CA GLU A 77 -20.55 6.96 -6.50
C GLU A 77 -19.70 5.79 -5.99
N PHE A 78 -18.41 5.96 -5.79
CA PHE A 78 -17.57 4.84 -5.38
C PHE A 78 -17.96 4.33 -4.01
N ILE A 79 -18.22 5.23 -3.10
CA ILE A 79 -18.55 4.83 -1.77
C ILE A 79 -19.90 4.12 -1.66
N SER A 80 -20.90 4.63 -2.40
CA SER A 80 -22.22 3.99 -2.38
C SER A 80 -22.17 2.63 -3.07
N LYS A 81 -21.45 2.53 -4.19
CA LYS A 81 -21.44 1.32 -4.94
C LYS A 81 -20.49 0.22 -4.54
N TYR A 82 -19.28 0.55 -4.14
CA TYR A 82 -18.33 -0.44 -3.76
C TYR A 82 -18.02 -0.56 -2.32
N ILE A 83 -18.60 0.24 -1.48
CA ILE A 83 -18.33 0.14 -0.08
C ILE A 83 -19.58 -0.05 0.75
N VAL A 84 -20.53 0.85 0.62
CA VAL A 84 -21.72 0.85 1.43
C VAL A 84 -22.87 -0.06 1.12
N ASN A 85 -23.38 -0.04 -0.09
CA ASN A 85 -24.57 -0.80 -0.41
C ASN A 85 -24.26 -2.14 -1.02
N GLU A 86 -24.02 -3.11 -0.14
CA GLU A 86 -23.66 -4.52 -0.42
C GLU A 86 -23.12 -4.74 -1.77
N PRO A 87 -21.92 -4.26 -1.97
CA PRO A 87 -21.21 -4.33 -3.24
C PRO A 87 -21.32 -5.67 -3.91
N ARG A 88 -21.73 -5.61 -5.15
CA ARG A 88 -21.85 -6.79 -5.96
C ARG A 88 -20.48 -7.26 -6.38
N ASP A 89 -19.57 -6.32 -6.58
CA ASP A 89 -18.24 -6.60 -7.04
C ASP A 89 -17.19 -5.86 -6.18
N VAL A 90 -15.92 -6.14 -6.34
CA VAL A 90 -14.89 -5.47 -5.55
C VAL A 90 -14.32 -4.24 -6.23
N GLY A 91 -14.47 -3.14 -5.58
CA GLY A 91 -13.96 -1.89 -6.08
C GLY A 91 -12.87 -1.29 -5.19
N TYR A 92 -11.82 -0.85 -5.83
CA TYR A 92 -10.70 -0.26 -5.16
C TYR A 92 -10.22 1.01 -5.80
N LEU A 93 -10.20 2.07 -5.00
CA LEU A 93 -9.62 3.32 -5.45
C LEU A 93 -8.17 3.12 -5.09
N ALA A 94 -7.38 2.78 -6.08
CA ALA A 94 -6.01 2.50 -5.82
C ALA A 94 -5.05 3.30 -6.61
N GLN A 95 -3.91 3.50 -6.00
CA GLN A 95 -2.80 4.17 -6.59
C GLN A 95 -3.16 5.46 -7.29
N HIS A 96 -3.86 6.32 -6.59
CA HIS A 96 -4.26 7.58 -7.12
C HIS A 96 -3.64 8.79 -6.35
N GLN A 97 -3.09 9.73 -7.09
CA GLN A 97 -2.47 10.91 -6.55
C GLN A 97 -3.56 11.88 -6.25
N LEU A 98 -4.35 11.51 -5.26
CA LEU A 98 -5.50 12.25 -4.79
C LEU A 98 -5.21 13.58 -4.16
N PHE A 99 -4.02 13.77 -3.64
CA PHE A 99 -3.66 14.99 -2.99
C PHE A 99 -3.27 16.10 -3.95
N ASP A 100 -2.88 15.70 -5.14
CA ASP A 100 -2.59 16.61 -6.22
C ASP A 100 -3.90 17.20 -6.66
N GLN A 101 -4.93 16.36 -6.71
CA GLN A 101 -6.28 16.69 -7.13
C GLN A 101 -7.10 17.44 -6.14
N ILE A 102 -6.93 17.14 -4.89
CA ILE A 102 -7.68 17.76 -3.86
C ILE A 102 -6.67 18.30 -2.87
N PRO A 103 -6.02 19.42 -3.18
CA PRO A 103 -5.01 20.03 -2.31
C PRO A 103 -5.42 20.38 -0.87
N GLU A 104 -6.69 20.53 -0.55
CA GLU A 104 -7.13 20.74 0.82
C GLU A 104 -6.89 19.50 1.70
N LEU A 105 -6.88 18.31 1.08
CA LEU A 105 -6.63 17.04 1.71
C LEU A 105 -5.18 16.93 2.09
N LYS A 106 -4.30 17.59 1.35
CA LYS A 106 -2.87 17.51 1.64
C LYS A 106 -2.44 18.10 2.98
N GLN A 107 -3.20 19.01 3.57
CA GLN A 107 -2.87 19.52 4.88
C GLN A 107 -3.11 18.58 6.07
N ASP A 108 -3.73 17.47 5.75
CA ASP A 108 -4.04 16.50 6.75
C ASP A 108 -2.95 15.47 6.92
N ILE A 109 -1.99 15.46 6.03
CA ILE A 109 -0.88 14.58 6.10
C ILE A 109 0.41 15.38 6.07
N SER A 110 1.48 14.71 6.41
CA SER A 110 2.78 15.32 6.35
C SER A 110 3.76 14.40 5.66
N ILE A 111 4.78 14.96 5.03
CA ILE A 111 5.77 14.08 4.41
C ILE A 111 6.71 13.62 5.51
N PRO A 112 6.82 12.32 5.75
CA PRO A 112 7.72 11.82 6.80
C PRO A 112 9.14 12.32 6.65
N ASP A 113 9.76 12.73 7.77
CA ASP A 113 11.14 13.28 7.85
C ASP A 113 12.18 12.36 7.30
N TYR A 114 12.00 11.06 7.43
CA TYR A 114 12.92 10.08 6.89
C TYR A 114 13.13 10.12 5.38
N CYS A 115 12.18 10.67 4.59
CA CYS A 115 12.24 10.91 3.16
C CYS A 115 13.42 11.75 2.71
N SER A 116 13.89 12.62 3.60
CA SER A 116 15.03 13.48 3.48
C SER A 116 16.38 12.75 3.48
N LEU A 117 16.41 11.48 3.82
CA LEU A 117 17.61 10.69 3.78
C LEU A 117 17.95 10.23 2.38
N GLY A 118 17.01 10.28 1.47
CA GLY A 118 17.25 9.85 0.12
C GLY A 118 17.88 10.95 -0.70
N ASP A 119 18.58 10.62 -1.77
CA ASP A 119 19.18 11.67 -2.56
C ASP A 119 18.30 12.19 -3.69
N GLY A 120 17.01 12.35 -3.41
CA GLY A 120 16.02 12.88 -4.33
C GLY A 120 15.30 14.07 -3.73
N GLU A 121 14.60 14.84 -4.53
CA GLU A 121 13.93 16.02 -4.02
C GLU A 121 12.46 15.95 -3.67
N GLU A 122 12.09 16.69 -2.62
CA GLU A 122 10.79 16.59 -1.95
C GLU A 122 9.62 16.50 -2.91
N GLU A 123 9.57 17.40 -3.87
CA GLU A 123 8.49 17.52 -4.81
C GLU A 123 8.38 16.41 -5.83
N GLU A 124 9.39 15.56 -5.95
CA GLU A 124 9.37 14.42 -6.80
C GLU A 124 8.85 13.17 -6.09
N ILE A 125 8.49 13.30 -4.83
CA ILE A 125 7.93 12.23 -4.03
C ILE A 125 6.46 12.03 -4.43
N THR A 126 6.08 10.82 -4.77
CA THR A 126 4.72 10.54 -5.16
C THR A 126 3.89 10.07 -4.00
N ILE A 127 2.80 10.77 -3.76
CA ILE A 127 1.83 10.47 -2.74
C ILE A 127 0.54 9.91 -3.34
N ASN A 128 0.30 8.63 -3.08
CA ASN A 128 -0.85 7.89 -3.55
C ASN A 128 -1.88 7.52 -2.47
N ALA A 129 -3.15 7.56 -2.84
CA ALA A 129 -4.26 7.16 -2.01
C ALA A 129 -4.63 5.73 -2.29
N TRP A 130 -5.03 4.99 -1.28
CA TRP A 130 -5.46 3.62 -1.40
C TRP A 130 -6.66 3.46 -0.53
N PHE A 131 -7.80 3.34 -1.14
CA PHE A 131 -9.03 3.33 -0.43
C PHE A 131 -10.04 2.37 -1.00
N GLY A 132 -10.49 1.46 -0.18
CA GLY A 132 -11.47 0.51 -0.56
C GLY A 132 -12.10 -0.24 0.58
N PRO A 133 -12.92 -1.19 0.22
CA PRO A 133 -13.58 -2.00 1.22
C PRO A 133 -12.66 -3.08 1.73
N GLN A 134 -13.10 -3.69 2.83
CA GLN A 134 -12.53 -4.96 3.29
C GLN A 134 -12.44 -5.95 2.14
N GLY A 135 -11.30 -6.62 2.00
CA GLY A 135 -11.20 -7.67 1.02
C GLY A 135 -10.47 -7.36 -0.24
N THR A 136 -10.06 -6.12 -0.44
CA THR A 136 -9.30 -5.75 -1.59
C THR A 136 -7.93 -6.43 -1.52
N ILE A 137 -7.43 -6.89 -2.66
CA ILE A 137 -6.15 -7.51 -2.72
C ILE A 137 -5.22 -6.86 -3.71
N SER A 138 -4.00 -6.62 -3.28
CA SER A 138 -2.94 -6.16 -4.14
C SER A 138 -1.95 -7.33 -4.17
N PRO A 139 -1.88 -7.98 -5.31
CA PRO A 139 -1.03 -9.11 -5.51
C PRO A 139 0.46 -8.79 -5.40
N LEU A 140 1.19 -9.82 -5.04
CA LEU A 140 2.61 -9.82 -4.85
C LEU A 140 3.35 -9.09 -5.97
N HIS A 141 3.91 -7.95 -5.61
CA HIS A 141 4.65 -7.14 -6.55
C HIS A 141 5.80 -6.37 -5.93
N GLN A 142 6.65 -5.82 -6.78
CA GLN A 142 7.75 -4.96 -6.36
C GLN A 142 7.67 -3.59 -7.05
N ASP A 143 8.12 -2.56 -6.35
CA ASP A 143 8.18 -1.20 -6.83
C ASP A 143 9.61 -0.69 -7.03
N PRO A 144 9.75 0.33 -7.83
CA PRO A 144 11.04 0.88 -8.16
C PRO A 144 11.64 1.94 -7.20
N GLN A 145 10.95 2.30 -6.14
CA GLN A 145 11.44 3.27 -5.18
C GLN A 145 11.20 2.83 -3.76
N GLN A 146 11.72 3.58 -2.80
CA GLN A 146 11.44 3.29 -1.41
C GLN A 146 9.97 3.68 -1.11
N ASN A 147 9.35 3.07 -0.13
CA ASN A 147 7.97 3.35 0.17
C ASN A 147 7.68 3.42 1.64
N PHE A 148 6.89 4.42 2.03
CA PHE A 148 6.34 4.68 3.35
C PHE A 148 4.80 4.61 3.24
N LEU A 149 4.24 3.52 3.72
CA LEU A 149 2.82 3.28 3.67
C LEU A 149 2.17 3.54 5.02
N VAL A 150 1.41 4.60 5.08
CA VAL A 150 0.75 5.02 6.27
C VAL A 150 -0.68 4.56 6.34
N GLN A 151 -1.07 3.96 7.45
CA GLN A 151 -2.40 3.47 7.61
C GLN A 151 -3.24 4.50 8.33
N VAL A 152 -4.32 4.91 7.72
CA VAL A 152 -5.18 5.90 8.35
C VAL A 152 -6.42 5.20 8.85
N MET A 153 -7.12 4.47 7.99
CA MET A 153 -8.30 3.74 8.44
C MET A 153 -8.22 2.23 8.18
N GLY A 154 -8.72 1.45 9.10
CA GLY A 154 -8.72 0.01 8.97
C GLY A 154 -7.40 -0.73 9.10
N ARG A 155 -7.40 -2.00 8.78
CA ARG A 155 -6.22 -2.80 8.89
C ARG A 155 -5.92 -3.56 7.64
N LYS A 156 -4.65 -3.84 7.45
CA LYS A 156 -4.14 -4.57 6.35
C LYS A 156 -3.13 -5.65 6.72
N TYR A 157 -3.34 -6.81 6.16
CA TYR A 157 -2.44 -7.94 6.31
C TYR A 157 -1.47 -7.80 5.14
N ILE A 158 -0.17 -7.83 5.40
CA ILE A 158 0.87 -7.67 4.40
C ILE A 158 1.94 -8.73 4.53
N ARG A 159 2.44 -9.22 3.40
CA ARG A 159 3.53 -10.17 3.32
C ARG A 159 4.63 -9.57 2.50
N LEU A 160 5.83 -9.65 3.02
CA LEU A 160 7.02 -9.13 2.41
C LEU A 160 8.02 -10.20 2.08
N TYR A 161 8.53 -10.18 0.87
CA TYR A 161 9.52 -11.12 0.48
C TYR A 161 10.67 -10.33 -0.11
N SER A 162 11.87 -10.69 0.28
CA SER A 162 13.09 -10.05 -0.15
C SER A 162 13.29 -10.16 -1.62
N PRO A 163 14.01 -9.22 -2.22
CA PRO A 163 14.34 -9.22 -3.65
C PRO A 163 15.34 -10.31 -3.99
N GLN A 164 16.08 -10.83 -3.03
CA GLN A 164 16.95 -11.95 -3.22
C GLN A 164 16.17 -13.26 -3.45
N GLU A 165 14.93 -13.32 -3.01
CA GLU A 165 14.06 -14.44 -3.12
C GLU A 165 13.26 -14.48 -4.41
N SER A 166 13.55 -13.59 -5.34
CA SER A 166 12.85 -13.45 -6.61
C SER A 166 12.63 -14.67 -7.47
N GLY A 167 13.58 -15.58 -7.45
CA GLY A 167 13.53 -16.81 -8.19
C GLY A 167 12.35 -17.62 -7.75
N ALA A 168 12.12 -17.69 -6.44
CA ALA A 168 11.01 -18.40 -5.95
C ALA A 168 9.63 -17.74 -6.06
N LEU A 169 9.55 -16.54 -6.60
CA LEU A 169 8.33 -15.76 -6.76
C LEU A 169 7.72 -15.78 -8.13
N TYR A 170 8.40 -16.43 -9.06
CA TYR A 170 7.95 -16.63 -10.41
C TYR A 170 7.30 -15.43 -11.07
N PRO A 171 8.05 -14.39 -11.22
CA PRO A 171 7.54 -13.17 -11.83
C PRO A 171 7.10 -13.39 -13.26
N HIS A 172 6.11 -12.64 -13.68
CA HIS A 172 5.65 -12.69 -15.05
C HIS A 172 6.77 -12.36 -16.05
N ASP A 173 6.68 -12.94 -17.23
CA ASP A 173 7.71 -12.72 -18.24
C ASP A 173 7.44 -11.60 -19.20
N THR A 174 6.20 -11.17 -19.21
CA THR A 174 5.74 -10.15 -20.12
C THR A 174 6.42 -8.82 -20.21
N HIS A 175 7.14 -8.37 -19.19
CA HIS A 175 7.76 -7.07 -19.27
C HIS A 175 6.87 -6.01 -18.65
N LEU A 176 5.60 -5.93 -19.08
CA LEU A 176 4.61 -5.05 -18.52
C LEU A 176 4.38 -5.47 -17.06
N LEU A 177 4.29 -6.77 -16.87
CA LEU A 177 4.09 -7.38 -15.58
C LEU A 177 5.31 -8.05 -14.96
N HIS A 178 6.53 -7.74 -15.40
CA HIS A 178 7.74 -8.32 -14.78
C HIS A 178 7.90 -8.06 -13.26
N ASN A 179 7.36 -6.97 -12.74
CA ASN A 179 7.40 -6.65 -11.34
C ASN A 179 6.29 -7.30 -10.49
N THR A 180 5.54 -8.23 -11.06
CA THR A 180 4.44 -8.91 -10.41
C THR A 180 4.61 -10.42 -10.42
N SER A 181 4.50 -11.03 -9.27
CA SER A 181 4.59 -12.46 -9.19
C SER A 181 3.42 -13.19 -9.86
N GLN A 182 3.66 -14.40 -10.31
CA GLN A 182 2.62 -15.21 -10.85
C GLN A 182 1.88 -15.99 -9.75
N VAL A 183 2.36 -15.95 -8.52
CA VAL A 183 1.78 -16.67 -7.40
C VAL A 183 0.66 -15.96 -6.67
N ASP A 184 -0.37 -16.69 -6.27
CA ASP A 184 -1.38 -16.12 -5.42
C ASP A 184 -0.92 -16.47 -4.01
N VAL A 185 -0.33 -15.50 -3.33
CA VAL A 185 0.28 -15.74 -2.06
C VAL A 185 -0.46 -16.54 -1.00
N GLU A 186 -1.74 -16.32 -0.87
CA GLU A 186 -2.52 -16.96 0.13
C GLU A 186 -3.12 -18.31 -0.22
N ASN A 187 -3.03 -18.71 -1.47
CA ASN A 187 -3.48 -20.03 -1.92
C ASN A 187 -2.67 -20.37 -3.15
N PRO A 188 -1.41 -20.61 -2.94
CA PRO A 188 -0.46 -20.83 -4.03
C PRO A 188 -0.50 -22.18 -4.71
N ASP A 189 -0.34 -22.21 -6.02
CA ASP A 189 -0.33 -23.46 -6.75
C ASP A 189 1.02 -24.06 -6.59
N LEU A 190 1.23 -24.88 -5.58
CA LEU A 190 2.55 -25.44 -5.37
C LEU A 190 2.96 -26.51 -6.34
N GLU A 191 2.04 -26.98 -7.16
CA GLU A 191 2.41 -27.94 -8.18
C GLU A 191 3.09 -27.18 -9.30
N LYS A 192 2.59 -25.98 -9.63
CA LYS A 192 3.13 -25.09 -10.66
C LYS A 192 4.26 -24.19 -10.16
N PHE A 193 4.23 -23.78 -8.89
CA PHE A 193 5.21 -22.91 -8.28
C PHE A 193 5.83 -23.56 -7.01
N PRO A 194 6.47 -24.71 -7.16
CA PRO A 194 7.06 -25.41 -6.03
C PRO A 194 8.07 -24.63 -5.21
N LYS A 195 8.83 -23.74 -5.80
CA LYS A 195 9.81 -22.97 -5.06
C LYS A 195 9.22 -21.95 -4.10
N PHE A 196 7.98 -21.56 -4.28
CA PHE A 196 7.34 -20.62 -3.42
C PHE A 196 7.22 -21.05 -1.96
N ALA A 197 7.09 -22.35 -1.74
CA ALA A 197 6.96 -22.92 -0.45
C ALA A 197 8.13 -22.57 0.44
N LYS A 198 9.32 -22.77 -0.06
CA LYS A 198 10.49 -22.52 0.74
C LYS A 198 10.79 -21.08 1.04
N ALA A 199 10.47 -20.17 0.14
CA ALA A 199 10.78 -18.78 0.32
C ALA A 199 10.37 -18.16 1.67
N PRO A 200 11.33 -17.69 2.45
CA PRO A 200 11.04 -17.06 3.72
C PRO A 200 10.45 -15.68 3.52
N PHE A 201 9.69 -15.22 4.49
CA PHE A 201 9.08 -13.94 4.43
C PHE A 201 8.83 -13.31 5.77
N LEU A 202 8.35 -12.09 5.74
CA LEU A 202 7.94 -11.31 6.91
C LEU A 202 6.49 -10.94 6.72
N SER A 203 5.79 -10.77 7.81
CA SER A 203 4.41 -10.32 7.73
C SER A 203 4.00 -9.47 8.89
N CYS A 204 2.90 -8.80 8.75
CA CYS A 204 2.33 -7.99 9.80
C CYS A 204 0.89 -7.65 9.53
N ILE A 205 0.26 -7.04 10.50
CA ILE A 205 -1.04 -6.53 10.31
C ILE A 205 -0.79 -5.09 10.60
N LEU A 206 -0.83 -4.28 9.57
CA LEU A 206 -0.65 -2.85 9.69
C LEU A 206 -1.93 -2.22 10.21
N SER A 207 -1.80 -1.37 11.20
CA SER A 207 -2.93 -0.73 11.80
C SER A 207 -2.85 0.78 11.74
N PRO A 208 -3.96 1.43 12.02
CA PRO A 208 -4.02 2.88 11.95
C PRO A 208 -2.97 3.61 12.77
N GLY A 209 -2.34 4.57 12.16
CA GLY A 209 -1.32 5.34 12.80
C GLY A 209 0.07 4.82 12.54
N GLU A 210 0.18 3.62 11.99
CA GLU A 210 1.44 2.96 11.68
C GLU A 210 1.97 3.10 10.26
N ILE A 211 3.27 3.26 10.19
CA ILE A 211 3.93 3.39 8.96
C ILE A 211 4.83 2.22 8.65
N LEU A 212 4.59 1.59 7.54
CA LEU A 212 5.41 0.53 7.13
C LEU A 212 6.43 1.02 6.12
N PHE A 213 7.66 0.60 6.31
CA PHE A 213 8.72 0.91 5.40
C PHE A 213 8.94 -0.27 4.50
N ILE A 214 8.79 -0.05 3.21
CA ILE A 214 9.02 -1.08 2.24
C ILE A 214 10.19 -0.63 1.40
N PRO A 215 11.28 -1.36 1.50
CA PRO A 215 12.47 -1.00 0.78
C PRO A 215 12.29 -1.24 -0.68
N VAL A 216 13.02 -0.45 -1.43
CA VAL A 216 13.03 -0.52 -2.83
C VAL A 216 13.26 -1.92 -3.33
N LYS A 217 12.36 -2.33 -4.21
CA LYS A 217 12.30 -3.62 -4.88
C LYS A 217 11.87 -4.82 -4.05
N TYR A 218 11.52 -4.60 -2.79
CA TYR A 218 11.08 -5.64 -1.90
C TYR A 218 9.63 -5.96 -2.25
N TRP A 219 9.37 -7.22 -2.44
CA TRP A 219 8.09 -7.70 -2.82
C TRP A 219 7.13 -7.60 -1.66
N HIS A 220 5.94 -7.12 -1.94
CA HIS A 220 4.86 -6.93 -0.99
C HIS A 220 3.45 -7.27 -1.53
N TYR A 221 2.63 -7.89 -0.69
CA TYR A 221 1.25 -8.29 -0.94
C TYR A 221 0.43 -7.70 0.17
N VAL A 222 -0.72 -7.20 -0.20
CA VAL A 222 -1.61 -6.50 0.69
C VAL A 222 -3.07 -6.93 0.55
N ARG A 223 -3.72 -7.15 1.67
CA ARG A 223 -5.11 -7.49 1.68
C ARG A 223 -5.75 -6.72 2.80
N ALA A 224 -6.69 -5.85 2.50
CA ALA A 224 -7.36 -5.09 3.54
C ALA A 224 -8.25 -5.98 4.37
N LEU A 225 -8.17 -5.85 5.66
CA LEU A 225 -8.96 -6.65 6.57
C LEU A 225 -10.26 -5.96 6.95
N ASP A 226 -10.30 -4.63 6.86
CA ASP A 226 -11.49 -3.83 7.09
C ASP A 226 -11.59 -2.71 6.04
N LEU A 227 -12.62 -1.91 6.12
CA LEU A 227 -12.71 -0.74 5.26
C LEU A 227 -11.39 0.01 5.49
N SER A 228 -10.58 0.15 4.46
CA SER A 228 -9.26 0.69 4.61
C SER A 228 -8.95 1.93 3.82
N PHE A 229 -8.04 2.73 4.33
CA PHE A 229 -7.55 3.95 3.70
C PHE A 229 -6.11 4.16 4.07
N SER A 230 -5.22 3.97 3.12
CA SER A 230 -3.81 4.11 3.30
C SER A 230 -3.21 5.18 2.39
N VAL A 231 -2.08 5.73 2.78
CA VAL A 231 -1.35 6.68 1.99
C VAL A 231 0.08 6.24 1.82
N SER A 232 0.52 6.11 0.58
CA SER A 232 1.87 5.71 0.24
C SER A 232 2.72 6.82 -0.30
N PHE A 233 3.95 6.85 0.13
CA PHE A 233 4.89 7.86 -0.31
C PHE A 233 5.98 7.14 -0.96
N TRP A 234 6.18 7.41 -2.22
CA TRP A 234 7.23 6.77 -2.95
C TRP A 234 8.32 7.80 -3.06
N TRP A 235 9.53 7.43 -2.70
CA TRP A 235 10.66 8.31 -2.72
C TRP A 235 11.94 7.62 -2.96
N SER A 236 13.00 8.38 -3.18
CA SER A 236 14.34 7.82 -3.47
C SER A 236 15.62 8.48 -2.73
#